data_4RP7
# 
_entry.id   4RP7 
# 
_audit_conform.dict_name       mmcif_pdbx.dic 
_audit_conform.dict_version    5.387 
_audit_conform.dict_location   http://mmcif.pdb.org/dictionaries/ascii/mmcif_pdbx.dic 
# 
loop_
_database_2.database_id 
_database_2.database_code 
_database_2.pdbx_database_accession 
_database_2.pdbx_DOI 
RCSB  RCSB087624   ?            ?                   
PDB   4RP7         pdb_00004rp7 10.2210/pdb4rp7/pdb 
WWPDB D_1000087624 ?            ?                   
# 
loop_
_pdbx_audit_revision_history.ordinal 
_pdbx_audit_revision_history.data_content_type 
_pdbx_audit_revision_history.major_revision 
_pdbx_audit_revision_history.minor_revision 
_pdbx_audit_revision_history.revision_date 
1 'Structure model' 1 0 2016-01-13 
2 'Structure model' 1 1 2016-01-27 
3 'Structure model' 1 2 2024-02-28 
# 
_pdbx_audit_revision_details.ordinal             1 
_pdbx_audit_revision_details.revision_ordinal    1 
_pdbx_audit_revision_details.data_content_type   'Structure model' 
_pdbx_audit_revision_details.provider            repository 
_pdbx_audit_revision_details.type                'Initial release' 
_pdbx_audit_revision_details.description         ? 
_pdbx_audit_revision_details.details             ? 
# 
loop_
_pdbx_audit_revision_group.ordinal 
_pdbx_audit_revision_group.revision_ordinal 
_pdbx_audit_revision_group.data_content_type 
_pdbx_audit_revision_group.group 
1 2 'Structure model' 'Database references'  
2 3 'Structure model' 'Data collection'      
3 3 'Structure model' 'Database references'  
4 3 'Structure model' 'Derived calculations' 
# 
loop_
_pdbx_audit_revision_category.ordinal 
_pdbx_audit_revision_category.revision_ordinal 
_pdbx_audit_revision_category.data_content_type 
_pdbx_audit_revision_category.category 
1 3 'Structure model' chem_comp_atom 
2 3 'Structure model' chem_comp_bond 
3 3 'Structure model' database_2     
4 3 'Structure model' struct_site    
# 
loop_
_pdbx_audit_revision_item.ordinal 
_pdbx_audit_revision_item.revision_ordinal 
_pdbx_audit_revision_item.data_content_type 
_pdbx_audit_revision_item.item 
1 3 'Structure model' '_database_2.pdbx_DOI'                
2 3 'Structure model' '_database_2.pdbx_database_accession' 
3 3 'Structure model' '_struct_site.pdbx_auth_asym_id'      
4 3 'Structure model' '_struct_site.pdbx_auth_comp_id'      
5 3 'Structure model' '_struct_site.pdbx_auth_seq_id'       
# 
_pdbx_database_status.status_code                     REL 
_pdbx_database_status.entry_id                        4RP7 
_pdbx_database_status.recvd_initial_deposition_date   2014-10-29 
_pdbx_database_status.deposit_site                    RCSB 
_pdbx_database_status.process_site                    RCSB 
_pdbx_database_status.status_code_sf                  REL 
_pdbx_database_status.status_code_mr                  ? 
_pdbx_database_status.SG_entry                        ? 
_pdbx_database_status.status_code_cs                  ? 
_pdbx_database_status.methods_development_category    ? 
_pdbx_database_status.pdb_format_compatible           Y 
_pdbx_database_status.status_code_nmr_data            ? 
# 
_pdbx_database_related.db_name        PDB 
_pdbx_database_related.db_id          4RP6 
_pdbx_database_related.details        . 
_pdbx_database_related.content_type   unspecified 
# 
loop_
_audit_author.name 
_audit_author.pdbx_ordinal 
'Soriaga, A.B.' 1 
'Soragni, A.'   2 
'Eisenberg, D.' 3 
# 
_citation.id                        primary 
_citation.title                     'A Designed Inhibitor of p53 Aggregation Rescues p53 Tumor Suppression in Ovarian Carcinomas.' 
_citation.journal_abbrev            'Cancer Cell' 
_citation.journal_volume            29 
_citation.page_first                90 
_citation.page_last                 103 
_citation.year                      2016 
_citation.journal_id_ASTM           ? 
_citation.country                   US 
_citation.journal_id_ISSN           1535-6108 
_citation.journal_id_CSD            ? 
_citation.book_publisher            ? 
_citation.pdbx_database_id_PubMed   26748848 
_citation.pdbx_database_id_DOI      10.1016/j.ccell.2015.12.002 
# 
loop_
_citation_author.citation_id 
_citation_author.name 
_citation_author.ordinal 
_citation_author.identifier_ORCID 
primary 'Soragni, A.'           1  ? 
primary 'Janzen, D.M.'          2  ? 
primary 'Johnson, L.M.'         3  ? 
primary 'Lindgren, A.G.'        4  ? 
primary 'Thai-Quynh Nguyen, A.' 5  ? 
primary 'Tiourin, E.'           6  ? 
primary 'Soriaga, A.B.'         7  ? 
primary 'Lu, J.'                8  ? 
primary 'Jiang, L.'             9  ? 
primary 'Faull, K.F.'           10 ? 
primary 'Pellegrini, M.'        11 ? 
primary 'Memarzadeh, S.'        12 ? 
primary 'Eisenberg, D.S.'       13 ? 
# 
loop_
_entity.id 
_entity.type 
_entity.src_method 
_entity.pdbx_description 
_entity.formula_weight 
_entity.pdbx_number_of_molecules 
_entity.pdbx_ec 
_entity.pdbx_mutation 
_entity.pdbx_fragment 
_entity.details 
1 polymer     syn 'TIITLE hexapeptide segment from p53' 688.810 1 ? ? 'UNP residues 253-258' 'Cellular tumor antigen p53' 
2 non-polymer syn 'ZINC ION'                            65.409  1 ? ? ?                      ?                            
3 water       nat water                                 18.015  2 ? ? ?                      ?                            
# 
_entity_name_com.entity_id   1 
_entity_name_com.name        'Antigen NY-CO-13, Phosphoprotein p53, Tumor suppressor p53' 
# 
_entity_poly.entity_id                      1 
_entity_poly.type                           'polypeptide(L)' 
_entity_poly.nstd_linkage                   no 
_entity_poly.nstd_monomer                   no 
_entity_poly.pdbx_seq_one_letter_code       TIITLE 
_entity_poly.pdbx_seq_one_letter_code_can   TIITLE 
_entity_poly.pdbx_strand_id                 Z 
_entity_poly.pdbx_target_identifier         ? 
# 
loop_
_pdbx_entity_nonpoly.entity_id 
_pdbx_entity_nonpoly.name 
_pdbx_entity_nonpoly.comp_id 
2 'ZINC ION' ZN  
3 water      HOH 
# 
loop_
_entity_poly_seq.entity_id 
_entity_poly_seq.num 
_entity_poly_seq.mon_id 
_entity_poly_seq.hetero 
1 1 THR n 
1 2 ILE n 
1 3 ILE n 
1 4 THR n 
1 5 LEU n 
1 6 GLU n 
# 
_pdbx_entity_src_syn.entity_id              1 
_pdbx_entity_src_syn.pdbx_src_id            1 
_pdbx_entity_src_syn.pdbx_alt_source_flag   sample 
_pdbx_entity_src_syn.pdbx_beg_seq_num       ? 
_pdbx_entity_src_syn.pdbx_end_seq_num       ? 
_pdbx_entity_src_syn.organism_scientific    'Homo sapiens' 
_pdbx_entity_src_syn.organism_common_name   human 
_pdbx_entity_src_syn.ncbi_taxonomy_id       9606 
_pdbx_entity_src_syn.details                'TIITLE(residues 253-258) from p53, synthesized' 
# 
loop_
_chem_comp.id 
_chem_comp.type 
_chem_comp.mon_nstd_flag 
_chem_comp.name 
_chem_comp.pdbx_synonyms 
_chem_comp.formula 
_chem_comp.formula_weight 
GLU 'L-peptide linking' y 'GLUTAMIC ACID' ? 'C5 H9 N O4'  147.129 
HOH non-polymer         . WATER           ? 'H2 O'        18.015  
ILE 'L-peptide linking' y ISOLEUCINE      ? 'C6 H13 N O2' 131.173 
LEU 'L-peptide linking' y LEUCINE         ? 'C6 H13 N O2' 131.173 
THR 'L-peptide linking' y THREONINE       ? 'C4 H9 N O3'  119.119 
ZN  non-polymer         . 'ZINC ION'      ? 'Zn 2'        65.409  
# 
loop_
_pdbx_poly_seq_scheme.asym_id 
_pdbx_poly_seq_scheme.entity_id 
_pdbx_poly_seq_scheme.seq_id 
_pdbx_poly_seq_scheme.mon_id 
_pdbx_poly_seq_scheme.ndb_seq_num 
_pdbx_poly_seq_scheme.pdb_seq_num 
_pdbx_poly_seq_scheme.auth_seq_num 
_pdbx_poly_seq_scheme.pdb_mon_id 
_pdbx_poly_seq_scheme.auth_mon_id 
_pdbx_poly_seq_scheme.pdb_strand_id 
_pdbx_poly_seq_scheme.pdb_ins_code 
_pdbx_poly_seq_scheme.hetero 
A 1 1 THR 1 1 1 THR THR Z . n 
A 1 2 ILE 2 2 2 ILE ILE Z . n 
A 1 3 ILE 3 3 3 ILE ILE Z . n 
A 1 4 THR 4 4 4 THR THR Z . n 
A 1 5 LEU 5 5 5 LEU LEU Z . n 
A 1 6 GLU 6 6 6 GLU GLU Z . n 
# 
loop_
_pdbx_nonpoly_scheme.asym_id 
_pdbx_nonpoly_scheme.entity_id 
_pdbx_nonpoly_scheme.mon_id 
_pdbx_nonpoly_scheme.ndb_seq_num 
_pdbx_nonpoly_scheme.pdb_seq_num 
_pdbx_nonpoly_scheme.auth_seq_num 
_pdbx_nonpoly_scheme.pdb_mon_id 
_pdbx_nonpoly_scheme.auth_mon_id 
_pdbx_nonpoly_scheme.pdb_strand_id 
_pdbx_nonpoly_scheme.pdb_ins_code 
B 2 ZN  1 101 1 ZN  ZN  Z . 
C 3 HOH 1 201 1 HOH HOH Z . 
C 3 HOH 2 202 2 HOH HOH Z . 
# 
loop_
_software.name 
_software.classification 
_software.version 
_software.citation_id 
_software.pdbx_ordinal 
ADSC      'data collection' Quantum                      ? 1 
PHASER    phasing           .                            ? 2 
PHENIX    refinement        '(phenix.refine: 1.7.3_928)' ? 3 
DENZO     'data reduction'  .                            ? 4 
SCALEPACK 'data scaling'    .                            ? 5 
# 
_cell.entry_id           4RP7 
_cell.length_a           43.018 
_cell.length_b           4.849 
_cell.length_c           19.774 
_cell.angle_alpha        90.00 
_cell.angle_beta         92.12 
_cell.angle_gamma        90.00 
_cell.Z_PDB              4 
_cell.pdbx_unique_axis   ? 
_cell.length_a_esd       ? 
_cell.length_b_esd       ? 
_cell.length_c_esd       ? 
_cell.angle_alpha_esd    ? 
_cell.angle_beta_esd     ? 
_cell.angle_gamma_esd    ? 
# 
_symmetry.entry_id                         4RP7 
_symmetry.space_group_name_H-M             'C 1 2 1' 
_symmetry.pdbx_full_space_group_name_H-M   ? 
_symmetry.cell_setting                     ? 
_symmetry.Int_Tables_number                5 
_symmetry.space_group_name_Hall            ? 
# 
_exptl.entry_id          4RP7 
_exptl.method            'X-RAY DIFFRACTION' 
_exptl.crystals_number   1 
# 
_exptl_crystal.id                    1 
_exptl_crystal.density_meas          ? 
_exptl_crystal.density_Matthews      1.50 
_exptl_crystal.density_percent_sol   17.78 
_exptl_crystal.description           ? 
_exptl_crystal.F_000                 ? 
_exptl_crystal.preparation           ? 
# 
_exptl_crystal_grow.crystal_id      1 
_exptl_crystal_grow.method          'VAPOR DIFFUSION, HANGING DROP' 
_exptl_crystal_grow.temp            291 
_exptl_crystal_grow.temp_details    ? 
_exptl_crystal_grow.pH              6 
_exptl_crystal_grow.pdbx_details    
;reservoir contained 0.01 M zinc    
chloride, 0.1 M MES buffer pH 6, and 20% PEG 6000, VAPOR DIFFUSION, HANGING DROP, temperature 291K
;
_exptl_crystal_grow.pdbx_pH_range   ? 
# 
_diffrn.id                     1 
_diffrn.ambient_temp           100 
_diffrn.ambient_temp_details   ? 
_diffrn.crystal_id             1 
# 
_diffrn_detector.diffrn_id              1 
_diffrn_detector.detector               CCD 
_diffrn_detector.type                   'ADSC QUANTUM 315' 
_diffrn_detector.pdbx_collection_date   2012-02-12 
_diffrn_detector.details                ? 
# 
_diffrn_radiation.diffrn_id                        1 
_diffrn_radiation.wavelength_id                    1 
_diffrn_radiation.pdbx_monochromatic_or_laue_m_l   M 
_diffrn_radiation.monochromator                    ? 
_diffrn_radiation.pdbx_diffrn_protocol             'SINGLE WAVELENGTH' 
_diffrn_radiation.pdbx_scattering_type             x-ray 
# 
_diffrn_radiation_wavelength.id           1 
_diffrn_radiation_wavelength.wavelength   0.9792 
_diffrn_radiation_wavelength.wt           1.0 
# 
_diffrn_source.diffrn_id                   1 
_diffrn_source.source                      SYNCHROTRON 
_diffrn_source.type                        'APS BEAMLINE 24-ID-E' 
_diffrn_source.pdbx_synchrotron_site       APS 
_diffrn_source.pdbx_synchrotron_beamline   24-ID-E 
_diffrn_source.pdbx_wavelength             ? 
_diffrn_source.pdbx_wavelength_list        0.9792 
# 
_reflns.entry_id                     4RP7 
_reflns.observed_criterion_sigma_I   -3.0 
_reflns.observed_criterion_sigma_F   ? 
_reflns.d_resolution_low             21.494 
_reflns.d_resolution_high            1.576 
_reflns.number_obs                   636 
_reflns.number_all                   636 
_reflns.percent_possible_obs         96.5 
_reflns.pdbx_Rmerge_I_obs            0.114 
_reflns.pdbx_Rsym_value              ? 
_reflns.pdbx_netI_over_sigmaI        8.91 
_reflns.B_iso_Wilson_estimate        ? 
_reflns.pdbx_redundancy              4.0 
_reflns.R_free_details               ? 
_reflns.limit_h_max                  ? 
_reflns.limit_h_min                  ? 
_reflns.limit_k_max                  ? 
_reflns.limit_k_min                  ? 
_reflns.limit_l_max                  ? 
_reflns.limit_l_min                  ? 
_reflns.observed_criterion_F_max     ? 
_reflns.observed_criterion_F_min     ? 
_reflns.pdbx_chi_squared             ? 
_reflns.pdbx_scaling_rejects         ? 
_reflns.pdbx_ordinal                 1 
_reflns.pdbx_diffrn_id               1 
# 
_reflns_shell.d_res_high             1.59 
_reflns_shell.d_res_low              1.65 
_reflns_shell.percent_possible_all   87.7 
_reflns_shell.Rmerge_I_obs           0.32 
_reflns_shell.pdbx_Rsym_value        ? 
_reflns_shell.meanI_over_sigI_obs    4.12 
_reflns_shell.pdbx_redundancy        3.0 
_reflns_shell.percent_possible_obs   ? 
_reflns_shell.number_unique_all      ? 
_reflns_shell.number_measured_all    ? 
_reflns_shell.number_measured_obs    ? 
_reflns_shell.number_unique_obs      ? 
_reflns_shell.pdbx_chi_squared       ? 
_reflns_shell.pdbx_ordinal           1 
_reflns_shell.pdbx_diffrn_id         1 
# 
_refine.entry_id                                 4RP7 
_refine.ls_number_reflns_obs                     635 
_refine.ls_number_reflns_all                     635 
_refine.pdbx_ls_sigma_I                          ? 
_refine.pdbx_ls_sigma_F                          1.43 
_refine.pdbx_data_cutoff_high_absF               ? 
_refine.pdbx_data_cutoff_low_absF                ? 
_refine.pdbx_data_cutoff_high_rms_absF           ? 
_refine.ls_d_res_low                             21.494 
_refine.ls_d_res_high                            1.576 
_refine.ls_percent_reflns_obs                    93.38 
_refine.ls_R_factor_obs                          0.1666 
_refine.ls_R_factor_all                          0.1666 
_refine.ls_R_factor_R_work                       0.1637 
_refine.ls_R_factor_R_free                       0.1925 
_refine.ls_R_factor_R_free_error                 ? 
_refine.ls_R_factor_R_free_error_details         ? 
_refine.ls_percent_reflns_R_free                 10.24 
_refine.ls_number_reflns_R_free                  65 
_refine.ls_number_parameters                     ? 
_refine.ls_number_restraints                     ? 
_refine.occupancy_min                            ? 
_refine.occupancy_max                            ? 
_refine.correlation_coeff_Fo_to_Fc               ? 
_refine.correlation_coeff_Fo_to_Fc_free          ? 
_refine.B_iso_mean                               ? 
_refine.aniso_B[1][1]                            -2.4068 
_refine.aniso_B[2][2]                            -0.0323 
_refine.aniso_B[3][3]                            2.1936 
_refine.aniso_B[1][2]                            -0.0000 
_refine.aniso_B[1][3]                            -0.8190 
_refine.aniso_B[2][3]                            0.0000 
_refine.solvent_model_details                    'FLAT BULK SOLVENT MODEL' 
_refine.solvent_model_param_ksol                 0.400 
_refine.solvent_model_param_bsol                 80.000 
_refine.pdbx_solvent_vdw_probe_radii             1.00 
_refine.pdbx_solvent_ion_probe_radii             ? 
_refine.pdbx_solvent_shrinkage_radii             0.73 
_refine.pdbx_ls_cross_valid_method               ? 
_refine.details                                  ? 
_refine.pdbx_starting_model                      ? 
_refine.pdbx_method_to_determine_struct          'MOLECULAR REPLACEMENT' 
_refine.pdbx_isotropic_thermal_model             ? 
_refine.pdbx_stereochemistry_target_values       ML 
_refine.pdbx_stereochem_target_val_spec_case     ? 
_refine.pdbx_R_Free_selection_details            RANDOM 
_refine.pdbx_overall_ESU_R                       ? 
_refine.pdbx_overall_ESU_R_Free                  ? 
_refine.overall_SU_ML                            0.10 
_refine.pdbx_overall_phase_error                 15.70 
_refine.overall_SU_B                             ? 
_refine.overall_SU_R_Cruickshank_DPI             ? 
_refine.ls_redundancy_reflns_obs                 ? 
_refine.B_iso_min                                ? 
_refine.B_iso_max                                ? 
_refine.overall_SU_R_free                        ? 
_refine.ls_wR_factor_R_free                      ? 
_refine.ls_wR_factor_R_work                      ? 
_refine.overall_FOM_free_R_set                   ? 
_refine.overall_FOM_work_R_set                   ? 
_refine.pdbx_diffrn_id                           1 
_refine.pdbx_refine_id                           'X-RAY DIFFRACTION' 
_refine.pdbx_TLS_residual_ADP_flag               ? 
_refine.pdbx_overall_SU_R_free_Cruickshank_DPI   ? 
_refine.pdbx_overall_SU_R_Blow_DPI               ? 
_refine.pdbx_overall_SU_R_free_Blow_DPI          ? 
# 
_refine_hist.pdbx_refine_id                   'X-RAY DIFFRACTION' 
_refine_hist.cycle_id                         LAST 
_refine_hist.pdbx_number_atoms_protein        48 
_refine_hist.pdbx_number_atoms_nucleic_acid   0 
_refine_hist.pdbx_number_atoms_ligand         1 
_refine_hist.number_atoms_solvent             2 
_refine_hist.number_atoms_total               51 
_refine_hist.d_res_high                       1.576 
_refine_hist.d_res_low                        21.494 
# 
loop_
_refine_ls_restr.type 
_refine_ls_restr.dev_ideal 
_refine_ls_restr.dev_ideal_target 
_refine_ls_restr.weight 
_refine_ls_restr.number 
_refine_ls_restr.pdbx_restraint_function 
_refine_ls_restr.pdbx_refine_id 
f_bond_d           0.009  ? ? 47 ? 'X-RAY DIFFRACTION' 
f_angle_d          1.861  ? ? 64 ? 'X-RAY DIFFRACTION' 
f_dihedral_angle_d 10.557 ? ? 17 ? 'X-RAY DIFFRACTION' 
f_chiral_restr     0.072  ? ? 11 ? 'X-RAY DIFFRACTION' 
f_plane_restr      0.007  ? ? 7  ? 'X-RAY DIFFRACTION' 
# 
_refine_ls_shell.pdbx_total_number_of_bins_used   ? 
_refine_ls_shell.d_res_high                       1.576 
_refine_ls_shell.d_res_low                        ? 
_refine_ls_shell.number_reflns_R_work             570 
_refine_ls_shell.R_factor_R_work                  0.1637 
_refine_ls_shell.percent_reflns_obs               93.00 
_refine_ls_shell.R_factor_R_free                  0.1925 
_refine_ls_shell.R_factor_R_free_error            ? 
_refine_ls_shell.percent_reflns_R_free            ? 
_refine_ls_shell.number_reflns_R_free             65 
_refine_ls_shell.number_reflns_all                ? 
_refine_ls_shell.R_factor_all                     ? 
_refine_ls_shell.number_reflns_obs                ? 
_refine_ls_shell.redundancy_reflns_obs            ? 
_refine_ls_shell.pdbx_refine_id                   'X-RAY DIFFRACTION' 
# 
_struct.entry_id                  4RP7 
_struct.title                     'Structure of the amyloid-forming segment TIITLE from p53 (residues 253-258)' 
_struct.pdbx_model_details        ? 
_struct.pdbx_CASP_flag            ? 
_struct.pdbx_model_type_details   ? 
# 
_struct_keywords.entry_id        4RP7 
_struct_keywords.pdbx_keywords   'PROTEIN FIBRIL' 
_struct_keywords.text            
;p53, amyloid, fibril, amyloid-like protofibril, p53 aggregates, polymer, transcription factor, oncogene, cancer, p53 mutant, PROTEIN FIBRIL
;
# 
loop_
_struct_asym.id 
_struct_asym.pdbx_blank_PDB_chainid_flag 
_struct_asym.pdbx_modified 
_struct_asym.entity_id 
_struct_asym.details 
A N N 1 ? 
B N N 2 ? 
C N N 3 ? 
# 
_struct_ref.id                         1 
_struct_ref.db_name                    UNP 
_struct_ref.db_code                    P53_HUMAN 
_struct_ref.pdbx_db_accession          P04637 
_struct_ref.entity_id                  1 
_struct_ref.pdbx_seq_one_letter_code   TIITLE 
_struct_ref.pdbx_align_begin           253 
_struct_ref.pdbx_db_isoform            ? 
# 
_struct_ref_seq.align_id                      1 
_struct_ref_seq.ref_id                        1 
_struct_ref_seq.pdbx_PDB_id_code              4RP7 
_struct_ref_seq.pdbx_strand_id                Z 
_struct_ref_seq.seq_align_beg                 1 
_struct_ref_seq.pdbx_seq_align_beg_ins_code   ? 
_struct_ref_seq.seq_align_end                 6 
_struct_ref_seq.pdbx_seq_align_end_ins_code   ? 
_struct_ref_seq.pdbx_db_accession             P04637 
_struct_ref_seq.db_align_beg                  253 
_struct_ref_seq.pdbx_db_align_beg_ins_code    ? 
_struct_ref_seq.db_align_end                  258 
_struct_ref_seq.pdbx_db_align_end_ins_code    ? 
_struct_ref_seq.pdbx_auth_seq_align_beg       1 
_struct_ref_seq.pdbx_auth_seq_align_end       6 
# 
_pdbx_struct_assembly.id                   1 
_pdbx_struct_assembly.details              author_defined_assembly 
_pdbx_struct_assembly.method_details       ? 
_pdbx_struct_assembly.oligomeric_details   hexameric 
_pdbx_struct_assembly.oligomeric_count     6 
# 
_pdbx_struct_assembly_gen.assembly_id       1 
_pdbx_struct_assembly_gen.oper_expression   1,2,3,4,5,6 
_pdbx_struct_assembly_gen.asym_id_list      A,B,C 
# 
loop_
_pdbx_struct_oper_list.id 
_pdbx_struct_oper_list.type 
_pdbx_struct_oper_list.name 
_pdbx_struct_oper_list.symmetry_operation 
_pdbx_struct_oper_list.matrix[1][1] 
_pdbx_struct_oper_list.matrix[1][2] 
_pdbx_struct_oper_list.matrix[1][3] 
_pdbx_struct_oper_list.vector[1] 
_pdbx_struct_oper_list.matrix[2][1] 
_pdbx_struct_oper_list.matrix[2][2] 
_pdbx_struct_oper_list.matrix[2][3] 
_pdbx_struct_oper_list.vector[2] 
_pdbx_struct_oper_list.matrix[3][1] 
_pdbx_struct_oper_list.matrix[3][2] 
_pdbx_struct_oper_list.matrix[3][3] 
_pdbx_struct_oper_list.vector[3] 
1 'crystal symmetry operation' 1_565 x,y+1,z           1.0000000000  0.0000000000 0.0000000000  3.2641723345  0.0000000000 1.0000000000  0.0000000000  2.4345653620  0.0000000000  0.0000000000  1.0000000000  -2.6326548329  
2 'crystal symmetry operation' 1_575 x,y+2,z           1.0000000000  0.0000000000 0.0000000000  6.5283446689  0.0000000000 1.0000000000  0.0000000000  4.8691307239  0.0000000000  0.0000000000  1.0000000000  -5.2653096658  
3 'crystal symmetry operation' 1_585 x,y+3,z           1.0000000000  0.0000000000 0.0000000000  9.7925170034  0.0000000000 1.0000000000  0.0000000000  7.3036960859  0.0000000000  0.0000000000  1.0000000000  -7.8979644988  
4 'crystal symmetry operation' 4_556 -x+1/2,y+1/2,-z+1 -0.0937004035 0.6759586747 -0.7309583466 -6.5095661802 0.6759586747 -0.4958398617 -0.5451813475 6.0408514298  -0.7309583466 -0.5451813475 -0.4104597347 -6.9503599402  
5 'crystal symmetry operation' 4_566 -x+1/2,y+3/2,-z+1 -0.0937004035 0.6759586747 -0.7309583466 -3.2453938458 0.6759586747 -0.4958398617 -0.5451813475 8.4754167918  -0.7309583466 -0.5451813475 -0.4104597347 -9.5830147731  
6 'crystal symmetry operation' 4_576 -x+1/2,y+5/2,-z+1 -0.0937004035 0.6759586747 -0.7309583466 0.0187784887  0.6759586747 -0.4958398617 -0.5451813475 10.9099821537 -0.7309583466 -0.5451813475 -0.4104597347 -12.2156696061 
# 
_struct_biol.id        1 
_struct_biol.details   
;The biological unit is a pair of beta sheets with the side chains interdigitating between the sheets. One sheet is constructed from unit cell translations along the "b" direction (i.e. X,Y+1,Z; X,Y+2,Z; X,Y+3,Z; etc.). The other sheet is constructed from symmetry operators -X+1/2,Y+1/2,-Z+1; -X+1/2,Y+3/2,-Z+1; -X+1/2,Y+5/2,-Z+1; etc.).
;
# 
_struct_conn.id                            metalc1 
_struct_conn.conn_type_id                  metalc 
_struct_conn.pdbx_leaving_atom_flag        ? 
_struct_conn.pdbx_PDB_id                   ? 
_struct_conn.ptnr1_label_asym_id           A 
_struct_conn.ptnr1_label_comp_id           THR 
_struct_conn.ptnr1_label_seq_id            1 
_struct_conn.ptnr1_label_atom_id           N 
_struct_conn.pdbx_ptnr1_label_alt_id       ? 
_struct_conn.pdbx_ptnr1_PDB_ins_code       ? 
_struct_conn.pdbx_ptnr1_standard_comp_id   ? 
_struct_conn.ptnr1_symmetry                1_555 
_struct_conn.ptnr2_label_asym_id           B 
_struct_conn.ptnr2_label_comp_id           ZN 
_struct_conn.ptnr2_label_seq_id            . 
_struct_conn.ptnr2_label_atom_id           ZN 
_struct_conn.pdbx_ptnr2_label_alt_id       ? 
_struct_conn.pdbx_ptnr2_PDB_ins_code       ? 
_struct_conn.ptnr1_auth_asym_id            Z 
_struct_conn.ptnr1_auth_comp_id            THR 
_struct_conn.ptnr1_auth_seq_id             1 
_struct_conn.ptnr2_auth_asym_id            Z 
_struct_conn.ptnr2_auth_comp_id            ZN 
_struct_conn.ptnr2_auth_seq_id             101 
_struct_conn.ptnr2_symmetry                1_555 
_struct_conn.pdbx_ptnr3_label_atom_id      ? 
_struct_conn.pdbx_ptnr3_label_seq_id       ? 
_struct_conn.pdbx_ptnr3_label_comp_id      ? 
_struct_conn.pdbx_ptnr3_label_asym_id      ? 
_struct_conn.pdbx_ptnr3_label_alt_id       ? 
_struct_conn.pdbx_ptnr3_PDB_ins_code       ? 
_struct_conn.details                       ? 
_struct_conn.pdbx_dist_value               2.080 
_struct_conn.pdbx_value_order              ? 
_struct_conn.pdbx_role                     ? 
# 
_struct_conn_type.id          metalc 
_struct_conn_type.criteria    ? 
_struct_conn_type.reference   ? 
# 
_struct_site.id                   AC1 
_struct_site.pdbx_evidence_code   Software 
_struct_site.pdbx_auth_asym_id    Z 
_struct_site.pdbx_auth_comp_id    ZN 
_struct_site.pdbx_auth_seq_id     101 
_struct_site.pdbx_auth_ins_code   ? 
_struct_site.pdbx_num_residues    4 
_struct_site.details              'BINDING SITE FOR RESIDUE ZN Z 101' 
# 
loop_
_struct_site_gen.id 
_struct_site_gen.site_id 
_struct_site_gen.pdbx_num_res 
_struct_site_gen.label_comp_id 
_struct_site_gen.label_asym_id 
_struct_site_gen.label_seq_id 
_struct_site_gen.pdbx_auth_ins_code 
_struct_site_gen.auth_comp_id 
_struct_site_gen.auth_asym_id 
_struct_site_gen.auth_seq_id 
_struct_site_gen.label_atom_id 
_struct_site_gen.label_alt_id 
_struct_site_gen.symmetry 
_struct_site_gen.details 
1 AC1 4 THR A 1 ? THR Z 1 . ? 1_555 ? 
2 AC1 4 GLU A 6 ? GLU Z 6 . ? 4_555 ? 
3 AC1 4 GLU A 6 ? GLU Z 6 . ? 4_545 ? 
4 AC1 4 GLU A 6 ? GLU Z 6 . ? 3_455 ? 
# 
_pdbx_refine_tls.pdbx_refine_id   'X-RAY DIFFRACTION' 
_pdbx_refine_tls.id               1 
_pdbx_refine_tls.details          ? 
_pdbx_refine_tls.method           refined 
_pdbx_refine_tls.origin_x         0.3188 
_pdbx_refine_tls.origin_y         -0.5605 
_pdbx_refine_tls.origin_z         -0.2378 
_pdbx_refine_tls.T[1][1]          0.0483 
_pdbx_refine_tls.T[2][2]          0.0365 
_pdbx_refine_tls.T[3][3]          0.0221 
_pdbx_refine_tls.T[1][2]          0.0071 
_pdbx_refine_tls.T[1][3]          -0.0094 
_pdbx_refine_tls.T[2][3]          -0.0003 
_pdbx_refine_tls.L[1][1]          0.2034 
_pdbx_refine_tls.L[2][2]          0.0211 
_pdbx_refine_tls.L[3][3]          0.0188 
_pdbx_refine_tls.L[1][2]          0.0570 
_pdbx_refine_tls.L[1][3]          -0.0711 
_pdbx_refine_tls.L[2][3]          -0.0158 
_pdbx_refine_tls.S[1][1]          -0.0148 
_pdbx_refine_tls.S[1][2]          -0.0698 
_pdbx_refine_tls.S[1][3]          0.0278 
_pdbx_refine_tls.S[2][1]          0.0478 
_pdbx_refine_tls.S[2][2]          0.0042 
_pdbx_refine_tls.S[2][3]          -0.0946 
_pdbx_refine_tls.S[3][1]          -0.0182 
_pdbx_refine_tls.S[3][2]          -0.0082 
_pdbx_refine_tls.S[3][3]          0.1095 
# 
_pdbx_refine_tls_group.pdbx_refine_id      'X-RAY DIFFRACTION' 
_pdbx_refine_tls_group.id                  1 
_pdbx_refine_tls_group.refine_tls_id       1 
_pdbx_refine_tls_group.beg_auth_asym_id    ? 
_pdbx_refine_tls_group.beg_auth_seq_id     ? 
_pdbx_refine_tls_group.beg_label_asym_id   ? 
_pdbx_refine_tls_group.beg_label_seq_id    ? 
_pdbx_refine_tls_group.end_auth_asym_id    ? 
_pdbx_refine_tls_group.end_auth_seq_id     ? 
_pdbx_refine_tls_group.end_label_asym_id   ? 
_pdbx_refine_tls_group.end_label_seq_id    ? 
_pdbx_refine_tls_group.selection           ? 
_pdbx_refine_tls_group.selection_details   all 
# 
loop_
_chem_comp_atom.comp_id 
_chem_comp_atom.atom_id 
_chem_comp_atom.type_symbol 
_chem_comp_atom.pdbx_aromatic_flag 
_chem_comp_atom.pdbx_stereo_config 
_chem_comp_atom.pdbx_ordinal 
GLU N    N  N N 1  
GLU CA   C  N S 2  
GLU C    C  N N 3  
GLU O    O  N N 4  
GLU CB   C  N N 5  
GLU CG   C  N N 6  
GLU CD   C  N N 7  
GLU OE1  O  N N 8  
GLU OE2  O  N N 9  
GLU OXT  O  N N 10 
GLU H    H  N N 11 
GLU H2   H  N N 12 
GLU HA   H  N N 13 
GLU HB2  H  N N 14 
GLU HB3  H  N N 15 
GLU HG2  H  N N 16 
GLU HG3  H  N N 17 
GLU HE2  H  N N 18 
GLU HXT  H  N N 19 
HOH O    O  N N 20 
HOH H1   H  N N 21 
HOH H2   H  N N 22 
ILE N    N  N N 23 
ILE CA   C  N S 24 
ILE C    C  N N 25 
ILE O    O  N N 26 
ILE CB   C  N S 27 
ILE CG1  C  N N 28 
ILE CG2  C  N N 29 
ILE CD1  C  N N 30 
ILE OXT  O  N N 31 
ILE H    H  N N 32 
ILE H2   H  N N 33 
ILE HA   H  N N 34 
ILE HB   H  N N 35 
ILE HG12 H  N N 36 
ILE HG13 H  N N 37 
ILE HG21 H  N N 38 
ILE HG22 H  N N 39 
ILE HG23 H  N N 40 
ILE HD11 H  N N 41 
ILE HD12 H  N N 42 
ILE HD13 H  N N 43 
ILE HXT  H  N N 44 
LEU N    N  N N 45 
LEU CA   C  N S 46 
LEU C    C  N N 47 
LEU O    O  N N 48 
LEU CB   C  N N 49 
LEU CG   C  N N 50 
LEU CD1  C  N N 51 
LEU CD2  C  N N 52 
LEU OXT  O  N N 53 
LEU H    H  N N 54 
LEU H2   H  N N 55 
LEU HA   H  N N 56 
LEU HB2  H  N N 57 
LEU HB3  H  N N 58 
LEU HG   H  N N 59 
LEU HD11 H  N N 60 
LEU HD12 H  N N 61 
LEU HD13 H  N N 62 
LEU HD21 H  N N 63 
LEU HD22 H  N N 64 
LEU HD23 H  N N 65 
LEU HXT  H  N N 66 
THR N    N  N N 67 
THR CA   C  N S 68 
THR C    C  N N 69 
THR O    O  N N 70 
THR CB   C  N R 71 
THR OG1  O  N N 72 
THR CG2  C  N N 73 
THR OXT  O  N N 74 
THR H    H  N N 75 
THR H2   H  N N 76 
THR HA   H  N N 77 
THR HB   H  N N 78 
THR HG1  H  N N 79 
THR HG21 H  N N 80 
THR HG22 H  N N 81 
THR HG23 H  N N 82 
THR HXT  H  N N 83 
ZN  ZN   ZN N N 84 
# 
loop_
_chem_comp_bond.comp_id 
_chem_comp_bond.atom_id_1 
_chem_comp_bond.atom_id_2 
_chem_comp_bond.value_order 
_chem_comp_bond.pdbx_aromatic_flag 
_chem_comp_bond.pdbx_stereo_config 
_chem_comp_bond.pdbx_ordinal 
GLU N   CA   sing N N 1  
GLU N   H    sing N N 2  
GLU N   H2   sing N N 3  
GLU CA  C    sing N N 4  
GLU CA  CB   sing N N 5  
GLU CA  HA   sing N N 6  
GLU C   O    doub N N 7  
GLU C   OXT  sing N N 8  
GLU CB  CG   sing N N 9  
GLU CB  HB2  sing N N 10 
GLU CB  HB3  sing N N 11 
GLU CG  CD   sing N N 12 
GLU CG  HG2  sing N N 13 
GLU CG  HG3  sing N N 14 
GLU CD  OE1  doub N N 15 
GLU CD  OE2  sing N N 16 
GLU OE2 HE2  sing N N 17 
GLU OXT HXT  sing N N 18 
HOH O   H1   sing N N 19 
HOH O   H2   sing N N 20 
ILE N   CA   sing N N 21 
ILE N   H    sing N N 22 
ILE N   H2   sing N N 23 
ILE CA  C    sing N N 24 
ILE CA  CB   sing N N 25 
ILE CA  HA   sing N N 26 
ILE C   O    doub N N 27 
ILE C   OXT  sing N N 28 
ILE CB  CG1  sing N N 29 
ILE CB  CG2  sing N N 30 
ILE CB  HB   sing N N 31 
ILE CG1 CD1  sing N N 32 
ILE CG1 HG12 sing N N 33 
ILE CG1 HG13 sing N N 34 
ILE CG2 HG21 sing N N 35 
ILE CG2 HG22 sing N N 36 
ILE CG2 HG23 sing N N 37 
ILE CD1 HD11 sing N N 38 
ILE CD1 HD12 sing N N 39 
ILE CD1 HD13 sing N N 40 
ILE OXT HXT  sing N N 41 
LEU N   CA   sing N N 42 
LEU N   H    sing N N 43 
LEU N   H2   sing N N 44 
LEU CA  C    sing N N 45 
LEU CA  CB   sing N N 46 
LEU CA  HA   sing N N 47 
LEU C   O    doub N N 48 
LEU C   OXT  sing N N 49 
LEU CB  CG   sing N N 50 
LEU CB  HB2  sing N N 51 
LEU CB  HB3  sing N N 52 
LEU CG  CD1  sing N N 53 
LEU CG  CD2  sing N N 54 
LEU CG  HG   sing N N 55 
LEU CD1 HD11 sing N N 56 
LEU CD1 HD12 sing N N 57 
LEU CD1 HD13 sing N N 58 
LEU CD2 HD21 sing N N 59 
LEU CD2 HD22 sing N N 60 
LEU CD2 HD23 sing N N 61 
LEU OXT HXT  sing N N 62 
THR N   CA   sing N N 63 
THR N   H    sing N N 64 
THR N   H2   sing N N 65 
THR CA  C    sing N N 66 
THR CA  CB   sing N N 67 
THR CA  HA   sing N N 68 
THR C   O    doub N N 69 
THR C   OXT  sing N N 70 
THR CB  OG1  sing N N 71 
THR CB  CG2  sing N N 72 
THR CB  HB   sing N N 73 
THR OG1 HG1  sing N N 74 
THR CG2 HG21 sing N N 75 
THR CG2 HG22 sing N N 76 
THR CG2 HG23 sing N N 77 
THR OXT HXT  sing N N 78 
# 
_atom_sites.entry_id                    4RP7 
_atom_sites.fract_transf_matrix[1][1]   0.00101923 
_atom_sites.fract_transf_matrix[1][2]   0.01641871 
_atom_sites.fract_transf_matrix[1][3]   0.01644703 
_atom_sites.fract_transf_matrix[2][1]   0.13882527 
_atom_sites.fract_transf_matrix[2][2]   0.10354208 
_atom_sites.fract_transf_matrix[2][3]   -0.11196683 
_atom_sites.fract_transf_matrix[3][1]   -0.03724938 
_atom_sites.fract_transf_matrix[3][2]   0.02659457 
_atom_sites.fract_transf_matrix[3][3]   -0.02159120 
_atom_sites.fract_transf_vector[1]      0.260886 
_atom_sites.fract_transf_vector[2]      -0.045473 
_atom_sites.fract_transf_vector[3]      0.223400 
# 
loop_
_atom_type.symbol 
C  
N  
O  
ZN 
# 
loop_
_atom_site.group_PDB 
_atom_site.id 
_atom_site.type_symbol 
_atom_site.label_atom_id 
_atom_site.label_alt_id 
_atom_site.label_comp_id 
_atom_site.label_asym_id 
_atom_site.label_entity_id 
_atom_site.label_seq_id 
_atom_site.pdbx_PDB_ins_code 
_atom_site.Cartn_x 
_atom_site.Cartn_y 
_atom_site.Cartn_z 
_atom_site.occupancy 
_atom_site.B_iso_or_equiv 
_atom_site.pdbx_formal_charge 
_atom_site.auth_seq_id 
_atom_site.auth_comp_id 
_atom_site.auth_asym_id 
_atom_site.auth_atom_id 
_atom_site.pdbx_PDB_model_num 
ATOM   1  N  N   . THR A 1 1 ? -1.101 -6.456 -6.858 1.00 5.90  ? 1   THR Z N   1 
ATOM   2  C  CA  . THR A 1 1 ? -1.085 -5.039 -6.564 1.00 4.89  ? 1   THR Z CA  1 
ATOM   3  C  C   . THR A 1 1 ? -0.953 -4.805 -5.064 1.00 4.69  ? 1   THR Z C   1 
ATOM   4  O  O   . THR A 1 1 ? -1.650 -5.429 -4.279 1.00 4.25  ? 1   THR Z O   1 
ATOM   5  C  CB  . THR A 1 1 ? -2.374 -4.379 -7.073 1.00 10.67 ? 1   THR Z CB  1 
ATOM   6  O  OG1 . THR A 1 1 ? -2.589 -4.750 -8.442 1.00 12.86 ? 1   THR Z OG1 1 
ATOM   7  C  CG2 . THR A 1 1 ? -2.284 -2.871 -6.965 1.00 6.79  ? 1   THR Z CG2 1 
ATOM   8  N  N   . ILE A 1 2 ? -0.027 -3.936 -4.673 1.00 3.60  ? 2   ILE Z N   1 
ATOM   9  C  CA  . ILE A 1 2 ? 0.121  -3.556 -3.270 1.00 4.86  ? 2   ILE Z CA  1 
ATOM   10 C  C   . ILE A 1 2 ? -0.019 -2.049 -3.120 1.00 5.86  ? 2   ILE Z C   1 
ATOM   11 O  O   . ILE A 1 2 ? 0.688  -1.289 -3.774 1.00 4.81  ? 2   ILE Z O   1 
ATOM   12 C  CB  . ILE A 1 2 ? 1.500  -3.955 -2.710 1.00 4.24  ? 2   ILE Z CB  1 
ATOM   13 C  CG1 . ILE A 1 2 ? 1.752  -5.453 -2.889 1.00 5.28  ? 2   ILE Z CG1 1 
ATOM   14 C  CG2 . ILE A 1 2 ? 1.621  -3.546 -1.248 1.00 6.18  ? 2   ILE Z CG2 1 
ATOM   15 C  CD1 . ILE A 1 2 ? 3.124  -5.892 -2.426 1.00 6.81  ? 2   ILE Z CD1 1 
ATOM   16 N  N   . ILE A 1 3 ? -0.927 -1.624 -2.254 1.00 3.28  ? 3   ILE Z N   1 
ATOM   17 C  CA  . ILE A 1 3 ? -1.049 -0.216 -1.917 1.00 2.54  ? 3   ILE Z CA  1 
ATOM   18 C  C   . ILE A 1 3 ? -0.868 -0.093 -0.408 1.00 3.98  ? 3   ILE Z C   1 
ATOM   19 O  O   . ILE A 1 3 ? -1.596 -0.714 0.353  1.00 2.86  ? 3   ILE Z O   1 
ATOM   20 C  CB  . ILE A 1 3 ? -2.418 0.336  -2.356 1.00 4.84  ? 3   ILE Z CB  1 
ATOM   21 C  CG1 . ILE A 1 3 ? -2.566 0.211  -3.874 1.00 4.33  ? 3   ILE Z CG1 1 
ATOM   22 C  CG2 . ILE A 1 3 ? -2.574 1.789  -1.947 1.00 2.84  ? 3   ILE Z CG2 1 
ATOM   23 C  CD1 . ILE A 1 3 ? -3.995 0.265  -4.365 1.00 8.14  ? 3   ILE Z CD1 1 
ATOM   24 N  N   . THR A 1 4 ? 0.118  0.692  0.013  1.00 3.85  ? 4   THR Z N   1 
ATOM   25 C  CA  . THR A 1 4 ? 0.424  0.839  1.432  1.00 4.67  ? 4   THR Z CA  1 
ATOM   26 C  C   . THR A 1 4 ? 0.481  2.295  1.864  1.00 6.53  ? 4   THR Z C   1 
ATOM   27 O  O   . THR A 1 4 ? 1.224  3.076  1.291  1.00 6.74  ? 4   THR Z O   1 
ATOM   28 C  CB  . THR A 1 4 ? 1.793  0.215  1.755  1.00 6.65  ? 4   THR Z CB  1 
ATOM   29 O  OG1 . THR A 1 4 ? 1.778  -1.172 1.413  1.00 7.91  ? 4   THR Z OG1 1 
ATOM   30 C  CG2 . THR A 1 4 ? 2.120  0.365  3.229  1.00 9.32  ? 4   THR Z CG2 1 
ATOM   31 N  N   . LEU A 1 5 ? -0.277 2.649  2.895  1.00 4.74  ? 5   LEU Z N   1 
ATOM   32 C  CA  . LEU A 1 5 ? -0.131 3.956  3.510  1.00 7.05  ? 5   LEU Z CA  1 
ATOM   33 C  C   . LEU A 1 5 ? 0.189  3.750  4.981  1.00 8.18  ? 5   LEU Z C   1 
ATOM   34 O  O   . LEU A 1 5 ? -0.581 3.138  5.708  1.00 9.26  ? 5   LEU Z O   1 
ATOM   35 C  CB  . LEU A 1 5 ? -1.412 4.768  3.346  1.00 5.48  ? 5   LEU Z CB  1 
ATOM   36 C  CG  . LEU A 1 5 ? -1.745 5.110  1.893  1.00 10.92 ? 5   LEU Z CG  1 
ATOM   37 C  CD1 . LEU A 1 5 ? -2.457 3.953  1.213  1.00 11.06 ? 5   LEU Z CD1 1 
ATOM   38 C  CD2 . LEU A 1 5 ? -2.579 6.376  1.829  1.00 16.68 ? 5   LEU Z CD2 1 
ATOM   39 N  N   . GLU A 1 6 ? 1.319  4.272  5.433  1.00 6.37  ? 6   GLU Z N   1 
ATOM   40 C  CA  . GLU A 1 6 ? 1.720  4.016  6.811  1.00 7.06  ? 6   GLU Z CA  1 
ATOM   41 C  C   . GLU A 1 6 ? 1.146  4.999  7.813  1.00 10.47 ? 6   GLU Z C   1 
ATOM   42 O  O   . GLU A 1 6 ? 0.932  4.624  8.954  1.00 10.97 ? 6   GLU Z O   1 
ATOM   43 C  CB  . GLU A 1 6 ? 3.240  3.937  6.963  1.00 6.61  ? 6   GLU Z CB  1 
ATOM   44 C  CG  . GLU A 1 6 ? 3.673  3.194  8.220  1.00 8.76  ? 6   GLU Z CG  1 
ATOM   45 C  CD  . GLU A 1 6 ? 5.179  3.052  8.315  1.00 9.29  ? 6   GLU Z CD  1 
ATOM   46 O  OE1 . GLU A 1 6 ? 5.862  3.753  7.564  1.00 9.75  ? 6   GLU Z OE1 1 
ATOM   47 O  OE2 . GLU A 1 6 ? 5.668  2.238  9.121  1.00 8.35  ? 6   GLU Z OE2 1 
ATOM   48 O  OXT . GLU A 1 6 ? 0.856  6.040  7.339  1.00 10.37 ? 6   GLU Z OXT 1 
HETATM 49 ZN ZN  . ZN  B 2 . ? 0.693  -7.492 -6.674 1.00 6.38  ? 101 ZN  Z ZN  1 
HETATM 50 O  O   . HOH C 3 . ? -2.207 -8.395 -9.011 1.00 14.91 ? 201 HOH Z O   1 
HETATM 51 O  O   . HOH C 3 . ? 4.431  -0.898 -0.274 1.00 26.28 ? 202 HOH Z O   1 
# 
loop_
_atom_site_anisotrop.id 
_atom_site_anisotrop.type_symbol 
_atom_site_anisotrop.pdbx_label_atom_id 
_atom_site_anisotrop.pdbx_label_alt_id 
_atom_site_anisotrop.pdbx_label_comp_id 
_atom_site_anisotrop.pdbx_label_asym_id 
_atom_site_anisotrop.pdbx_label_seq_id 
_atom_site_anisotrop.pdbx_PDB_ins_code 
_atom_site_anisotrop.U[1][1] 
_atom_site_anisotrop.U[2][2] 
_atom_site_anisotrop.U[3][3] 
_atom_site_anisotrop.U[1][2] 
_atom_site_anisotrop.U[1][3] 
_atom_site_anisotrop.U[2][3] 
_atom_site_anisotrop.pdbx_auth_seq_id 
_atom_site_anisotrop.pdbx_auth_comp_id 
_atom_site_anisotrop.pdbx_auth_asym_id 
_atom_site_anisotrop.pdbx_auth_atom_id 
1  N  N   . THR A 1 ? 0.0703 0.0826 0.0715 0.0022 0.0117  -0.0020 1   THR Z N   
2  C  CA  . THR A 1 ? 0.0593 0.0691 0.0574 0.0026 0.0122  -0.0027 1   THR Z CA  
3  C  C   . THR A 1 ? 0.0598 0.0652 0.0531 0.0045 0.0111  -0.0021 1   THR Z C   
4  O  O   . THR A 1 ? 0.0552 0.0595 0.0466 0.0053 0.0120  -0.0031 1   THR Z O   
5  C  CB  . THR A 1 ? 0.1340 0.1425 0.1291 0.0041 0.0106  -0.0033 1   THR Z CB  
6  O  OG1 . THR A 1 ? 0.1602 0.1699 0.1585 0.0031 0.0108  -0.0024 1   THR Z OG1 
7  C  CG2 . THR A 1 ? 0.0866 0.0931 0.0781 0.0033 0.0096  -0.0053 1   THR Z CG2 
8  N  N   . ILE A 2 ? 0.0470 0.0502 0.0397 0.0040 0.0066  -0.0003 2   ILE Z N   
9  C  CA  . ILE A 2 ? 0.0656 0.0650 0.0537 0.0052 0.0034  0.0002  2   ILE Z CA  
10 C  C   . ILE A 2 ? 0.0806 0.0772 0.0649 0.0052 -0.0010 -0.0006 2   ILE Z C   
11 O  O   . ILE A 2 ? 0.0665 0.0634 0.0530 0.0039 -0.0034 0.0004  2   ILE Z O   
12 C  CB  . ILE A 2 ? 0.0568 0.0562 0.0479 0.0047 0.0018  0.0033  2   ILE Z CB  
13 C  CG1 . ILE A 2 ? 0.0675 0.0699 0.0633 0.0046 0.0062  0.0044  2   ILE Z CG1 
14 C  CG2 . ILE A 2 ? 0.0842 0.0801 0.0705 0.0059 -0.0015 0.0037  2   ILE Z CG2 
15 C  CD1 . ILE A 2 ? 0.0857 0.0884 0.0849 0.0041 0.0049  0.0076  2   ILE Z CD1 
16 N  N   . ILE A 3 ? 0.0508 0.0444 0.0294 0.0067 -0.0020 -0.0024 3   ILE Z N   
17 C  CA  . ILE A 3 ? 0.0439 0.0342 0.0186 0.0068 -0.0063 -0.0032 3   ILE Z CA  
18 C  C   . ILE A 3 ? 0.0645 0.0517 0.0350 0.0079 -0.0088 -0.0029 3   ILE Z C   
19 O  O   . ILE A 3 ? 0.0515 0.0380 0.0190 0.0093 -0.0068 -0.0040 3   ILE Z O   
20 C  CB  . ILE A 3 ? 0.0742 0.0640 0.0458 0.0075 -0.0052 -0.0061 3   ILE Z CB  
21 C  CG1 . ILE A 3 ? 0.0650 0.0586 0.0411 0.0063 -0.0027 -0.0063 3   ILE Z CG1 
22 C  CG2 . ILE A 3 ? 0.0500 0.0376 0.0205 0.0071 -0.0087 -0.0064 3   ILE Z CG2 
23 C  CD1 . ILE A 3 ? 0.1123 0.1075 0.0896 0.0058 -0.0001 -0.0078 3   ILE Z CD1 
24 N  N   . THR A 4 ? 0.0635 0.0489 0.0338 0.0071 -0.0129 -0.0014 4   THR Z N   
25 C  CA  . THR A 4 ? 0.0761 0.0589 0.0426 0.0079 -0.0155 -0.0009 4   THR Z CA  
26 C  C   . THR A 4 ? 0.0999 0.0813 0.0669 0.0070 -0.0179 -0.0017 4   THR Z C   
27 O  O   . THR A 4 ? 0.1017 0.0833 0.0713 0.0057 -0.0197 -0.0008 4   THR Z O   
28 C  CB  . THR A 4 ? 0.0995 0.0837 0.0695 0.0071 -0.0163 0.0023  4   THR Z CB  
29 O  OG1 . THR A 4 ? 0.1132 0.1004 0.0870 0.0073 -0.0120 0.0032  4   THR Z OG1 
30 C  CG2 . THR A 4 ? 0.1349 0.1172 0.1020 0.0075 -0.0186 0.0028  4   THR Z CG2 
31 N  N   . LEU A 5 ? 0.0786 0.0584 0.0433 0.0077 -0.0175 -0.0033 5   LEU Z N   
32 C  CA  . LEU A 5 ? 0.1085 0.0865 0.0728 0.0072 -0.0197 -0.0036 5   LEU Z CA  
33 C  C   . LEU A 5 ? 0.1238 0.1010 0.0861 0.0075 -0.0207 -0.0032 5   LEU Z C   
34 O  O   . LEU A 5 ? 0.1383 0.1152 0.0984 0.0085 -0.0191 -0.0041 5   LEU Z O   
35 C  CB  . LEU A 5 ? 0.0888 0.0663 0.0529 0.0076 -0.0185 -0.0056 5   LEU Z CB  
36 C  CG  . LEU A 5 ? 0.1567 0.1353 0.1230 0.0071 -0.0176 -0.0059 5   LEU Z CG  
37 C  CD1 . LEU A 5 ? 0.1576 0.1384 0.1241 0.0077 -0.0145 -0.0063 5   LEU Z CD1 
38 C  CD2 . LEU A 5 ? 0.2298 0.2076 0.1963 0.0072 -0.0177 -0.0069 5   LEU Z CD2 
39 N  N   . GLU A 6 ? 0.1008 0.0776 0.0639 0.0066 -0.0232 -0.0020 6   GLU Z N   
40 C  CA  . GLU A 6 ? 0.1101 0.0867 0.0712 0.0067 -0.0242 -0.0014 6   GLU Z CA  
41 C  C   . GLU A 6 ? 0.1547 0.1294 0.1136 0.0069 -0.0250 -0.0031 6   GLU Z C   
42 O  O   . GLU A 6 ? 0.1619 0.1364 0.1184 0.0075 -0.0248 -0.0032 6   GLU Z O   
43 C  CB  . GLU A 6 ? 0.1035 0.0810 0.0667 0.0057 -0.0262 0.0010  6   GLU Z CB  
44 C  CG  . GLU A 6 ? 0.1310 0.1094 0.0927 0.0060 -0.0266 0.0023  6   GLU Z CG  
45 C  CD  . GLU A 6 ? 0.1362 0.1162 0.1007 0.0049 -0.0282 0.0049  6   GLU Z CD  
46 O  OE1 . GLU A 6 ? 0.1412 0.1211 0.1083 0.0039 -0.0293 0.0053  6   GLU Z OE1 
47 O  OE2 . GLU A 6 ? 0.1239 0.1054 0.0882 0.0052 -0.0283 0.0066  6   GLU Z OE2 
48 O  OXT . GLU A 6 ? 0.1536 0.1271 0.1132 0.0067 -0.0254 -0.0040 6   GLU Z OXT 
49 ZN ZN  . ZN  B . ? 0.0746 0.0870 0.0807 0.0009 0.0131  0.0003  101 ZN  Z ZN  
50 O  O   . HOH C . ? 0.1839 0.1943 0.1882 0.0007 0.0132  -0.0025 201 HOH Z O   
51 O  O   . HOH C . ? 0.3408 0.3318 0.3259 0.0036 -0.0146 0.0082  202 HOH Z O   
# 
